data_8ZCM
#
_entry.id   8ZCM
#
_cell.length_a   49.450
_cell.length_b   79.620
_cell.length_c   125.540
_cell.angle_alpha   90.00
_cell.angle_beta   90.00
_cell.angle_gamma   90.00
#
_symmetry.space_group_name_H-M   'P 21 21 21'
#
loop_
_entity.id
_entity.type
_entity.pdbx_description
1 polymer 'Immunoglobulin gamma-1 heavy chain'
2 branched beta-D-galactopyranose-(1-4)-2-acetamido-2-deoxy-beta-D-glucopyranose-(1-3)-alpha-D-mannopyranose-(1-6)-[2-acetamido-2-deoxy-beta-D-glucopyranose-(1-2)-alpha-D-mannopyranose-(1-3)]beta-D-mannopyranose-(1-4)-2-acetamido-2-deoxy-beta-D-glucopyranose-(1-4)-[beta-L-fucopyranose-(1-6)]2-acetamido-2-deoxy-beta-D-glucopyranose
3 branched 2-acetamido-2-deoxy-beta-D-glucopyranose-(1-2)-alpha-D-mannopyranose-(1-6)-[alpha-D-mannopyranose-(1-3)]beta-D-mannopyranose-(1-4)-2-acetamido-2-deoxy-beta-D-glucopyranose-(1-4)-[alpha-L-fucopyranose-(1-6)]2-acetamido-2-deoxy-beta-D-glucopyranose
4 non-polymer GLYCEROL
5 water water
#
_entity_poly.entity_id   1
_entity_poly.type   'polypeptide(L)'
_entity_poly.pdbx_seq_one_letter_code
;GPSVFLFPPKPKDTLMISRTPEVTCVVVDVSHEDPEVKFNWYVDGVEVHNAKTKPREEQYNSTYRVVSVLTVLHQDWLNG
KEYKCKVSNKALPAPIEKTISKAKGQPREPQVYTLPPSRDELTKNQVSLTCLVKGFYPSDIAVEWESNGQPENNYKTTPP
VLDSDGSFFLYSKLTVDKSRWQQGNVFSCSVMHEALHNHYTQKSLSLS
;
_entity_poly.pdbx_strand_id   A,B
#
loop_
_chem_comp.id
_chem_comp.type
_chem_comp.name
_chem_comp.formula
BMA D-saccharide, beta linking beta-D-mannopyranose 'C6 H12 O6'
FUC L-saccharide, alpha linking alpha-L-fucopyranose 'C6 H12 O5'
FUL L-saccharide, beta linking beta-L-fucopyranose 'C6 H12 O5'
GAL D-saccharide, beta linking beta-D-galactopyranose 'C6 H12 O6'
GOL non-polymer GLYCEROL 'C3 H8 O3'
MAN D-saccharide, alpha linking alpha-D-mannopyranose 'C6 H12 O6'
NAG D-saccharide, beta linking 2-acetamido-2-deoxy-beta-D-glucopyranose 'C8 H15 N O6'
#
# COMPACT_ATOMS: atom_id res chain seq x y z
N PRO A 2 16.10 8.26 -21.54
CA PRO A 2 16.16 8.24 -20.08
C PRO A 2 14.87 8.73 -19.42
N SER A 3 14.70 8.38 -18.14
CA SER A 3 13.54 8.80 -17.37
C SER A 3 14.00 9.49 -16.10
N VAL A 4 13.18 10.43 -15.62
CA VAL A 4 13.50 11.24 -14.45
C VAL A 4 12.49 10.94 -13.35
N PHE A 5 12.99 10.58 -12.18
CA PHE A 5 12.17 10.33 -11.00
C PHE A 5 12.60 11.27 -9.88
N LEU A 6 11.63 11.95 -9.29
CA LEU A 6 11.86 12.90 -8.21
C LEU A 6 11.18 12.40 -6.95
N PHE A 7 11.89 12.43 -5.82
CA PHE A 7 11.36 11.89 -4.58
C PHE A 7 11.40 12.92 -3.47
N PRO A 8 10.41 12.92 -2.58
CA PRO A 8 10.39 13.89 -1.47
C PRO A 8 11.21 13.40 -0.29
N PRO A 9 11.54 14.28 0.65
CA PRO A 9 12.28 13.85 1.84
C PRO A 9 11.40 13.04 2.78
N LYS A 10 12.07 12.33 3.69
CA LYS A 10 11.37 11.53 4.67
C LYS A 10 10.70 12.41 5.72
N PRO A 11 9.56 11.98 6.28
CA PRO A 11 8.85 12.84 7.24
C PRO A 11 9.64 13.17 8.49
N LYS A 12 10.44 12.22 8.99
CA LYS A 12 11.17 12.47 10.23
C LYS A 12 12.28 13.50 10.04
N ASP A 13 12.92 13.50 8.87
CA ASP A 13 14.02 14.43 8.63
C ASP A 13 13.56 15.88 8.68
N THR A 14 12.40 16.16 8.07
CA THR A 14 11.90 17.54 8.00
C THR A 14 11.47 18.08 9.36
N LEU A 15 11.13 17.22 10.30
CA LEU A 15 10.60 17.66 11.59
C LEU A 15 11.67 17.77 12.67
N MET A 16 12.92 17.44 12.36
CA MET A 16 14.02 17.54 13.32
C MET A 16 15.13 18.37 12.70
N ILE A 17 15.54 19.43 13.38
CA ILE A 17 16.61 20.29 12.88
C ILE A 17 17.92 19.53 12.80
N SER A 18 18.16 18.64 13.76
CA SER A 18 19.39 17.86 13.78
C SER A 18 19.51 16.94 12.57
N ARG A 19 18.40 16.57 11.95
CA ARG A 19 18.42 15.72 10.78
C ARG A 19 18.58 16.55 9.51
N THR A 20 18.78 15.86 8.38
CA THR A 20 19.06 16.49 7.10
C THR A 20 18.07 16.01 6.05
N PRO A 21 16.94 16.70 5.89
CA PRO A 21 16.03 16.36 4.79
C PRO A 21 16.66 16.67 3.44
N GLU A 22 16.26 15.90 2.43
CA GLU A 22 16.85 16.04 1.12
C GLU A 22 15.87 15.56 0.06
N VAL A 23 15.94 16.19 -1.12
CA VAL A 23 15.12 15.82 -2.26
C VAL A 23 16.00 15.03 -3.23
N THR A 24 15.56 13.82 -3.58
CA THR A 24 16.33 12.91 -4.41
C THR A 24 15.76 12.88 -5.82
N CYS A 25 16.62 13.14 -6.80
CA CYS A 25 16.25 13.08 -8.22
C CYS A 25 17.01 11.91 -8.84
N VAL A 26 16.27 10.89 -9.27
CA VAL A 26 16.84 9.66 -9.81
C VAL A 26 16.64 9.66 -11.32
N VAL A 27 17.72 9.43 -12.06
CA VAL A 27 17.68 9.33 -13.52
C VAL A 27 18.05 7.89 -13.89
N VAL A 28 17.16 7.23 -14.63
CA VAL A 28 17.39 5.87 -15.08
C VAL A 28 17.41 5.83 -16.60
N ASP A 29 17.65 4.65 -17.17
CA ASP A 29 17.64 4.44 -18.61
C ASP A 29 18.69 5.29 -19.33
N VAL A 30 19.91 5.28 -18.78
CA VAL A 30 21.03 6.01 -19.37
C VAL A 30 21.85 5.03 -20.19
N SER A 31 22.06 5.36 -21.46
CA SER A 31 22.82 4.49 -22.36
C SER A 31 24.32 4.69 -22.17
N HIS A 32 25.08 3.65 -22.50
CA HIS A 32 26.53 3.74 -22.41
C HIS A 32 27.11 4.69 -23.46
N GLU A 33 26.46 4.80 -24.62
CA GLU A 33 26.95 5.69 -25.67
C GLU A 33 26.89 7.15 -25.23
N ASP A 34 25.84 7.53 -24.51
CA ASP A 34 25.63 8.91 -24.07
C ASP A 34 25.41 8.91 -22.56
N PRO A 35 26.48 8.82 -21.78
CA PRO A 35 26.36 8.83 -20.32
C PRO A 35 26.47 10.21 -19.67
N GLU A 36 26.55 11.28 -20.46
CA GLU A 36 26.66 12.63 -19.91
C GLU A 36 25.30 13.07 -19.39
N VAL A 37 25.21 13.30 -18.07
CA VAL A 37 23.98 13.75 -17.43
C VAL A 37 24.28 15.00 -16.63
N LYS A 38 23.45 16.03 -16.81
CA LYS A 38 23.60 17.30 -16.12
C LYS A 38 22.34 17.59 -15.31
N PHE A 39 22.53 18.18 -14.12
CA PHE A 39 21.44 18.44 -13.20
C PHE A 39 21.33 19.94 -12.93
N ASN A 40 20.10 20.46 -12.99
CA ASN A 40 19.81 21.84 -12.62
C ASN A 40 18.66 21.83 -11.63
N TRP A 41 18.82 22.56 -10.53
CA TRP A 41 17.84 22.63 -9.46
C TRP A 41 17.25 24.02 -9.38
N TYR A 42 15.92 24.10 -9.26
CA TYR A 42 15.20 25.36 -9.14
C TYR A 42 14.32 25.32 -7.91
N VAL A 43 14.39 26.37 -7.09
CA VAL A 43 13.57 26.51 -5.89
C VAL A 43 12.69 27.73 -6.10
N ASP A 44 11.40 27.50 -6.36
CA ASP A 44 10.43 28.58 -6.59
C ASP A 44 10.90 29.52 -7.70
N GLY A 45 11.46 28.93 -8.76
CA GLY A 45 11.97 29.67 -9.89
C GLY A 45 13.43 30.06 -9.79
N VAL A 46 13.88 30.40 -8.58
CA VAL A 46 15.27 30.78 -8.36
C VAL A 46 16.13 29.53 -8.39
N GLU A 47 17.17 29.54 -9.23
CA GLU A 47 18.04 28.38 -9.38
C GLU A 47 19.00 28.28 -8.20
N VAL A 48 19.15 27.06 -7.68
CA VAL A 48 20.14 26.75 -6.67
C VAL A 48 21.15 25.77 -7.25
N HIS A 49 22.41 25.91 -6.85
CA HIS A 49 23.49 25.09 -7.39
C HIS A 49 23.90 23.99 -6.42
N ASN A 50 22.93 23.40 -5.71
CA ASN A 50 23.19 22.42 -4.68
C ASN A 50 23.23 21.00 -5.22
N ALA A 51 23.54 20.81 -6.49
CA ALA A 51 23.55 19.49 -7.11
C ALA A 51 24.84 18.76 -6.73
N LYS A 52 24.69 17.68 -5.97
CA LYS A 52 25.80 16.78 -5.64
C LYS A 52 25.41 15.40 -6.11
N THR A 53 26.08 14.93 -7.17
CA THR A 53 25.71 13.67 -7.81
C THR A 53 26.35 12.49 -7.11
N LYS A 54 25.51 11.54 -6.69
CA LYS A 54 26.01 10.31 -6.10
C LYS A 54 26.65 9.44 -7.18
N PRO A 55 27.54 8.52 -6.80
CA PRO A 55 28.14 7.63 -7.80
C PRO A 55 27.08 6.84 -8.54
N ARG A 56 27.29 6.68 -9.85
CA ARG A 56 26.30 6.01 -10.68
C ARG A 56 26.30 4.51 -10.38
N GLU A 57 25.41 3.80 -11.06
CA GLU A 57 25.21 2.37 -10.83
C GLU A 57 24.77 1.76 -12.15
N GLU A 58 25.57 0.84 -12.68
CA GLU A 58 25.16 0.06 -13.84
C GLU A 58 24.31 -1.12 -13.36
N GLN A 59 23.08 -1.20 -13.86
CA GLN A 59 22.14 -2.20 -13.40
C GLN A 59 22.27 -3.52 -14.13
N TYR A 60 21.25 -4.37 -13.99
CA TYR A 60 21.21 -5.69 -14.60
C TYR A 60 20.69 -5.68 -16.03
N ASN A 61 20.25 -4.53 -16.57
CA ASN A 61 19.83 -4.41 -17.96
C ASN A 61 20.80 -3.57 -18.78
N SER A 62 22.03 -3.38 -18.31
CA SER A 62 23.08 -2.65 -19.03
C SER A 62 22.75 -1.17 -19.21
N THR A 63 22.31 -0.53 -18.13
CA THR A 63 22.06 0.90 -18.12
C THR A 63 22.53 1.46 -16.79
N TYR A 64 22.47 2.79 -16.67
CA TYR A 64 22.93 3.49 -15.49
C TYR A 64 21.74 3.97 -14.65
N ARG A 65 22.05 4.31 -13.39
CA ARG A 65 21.09 4.95 -12.49
C ARG A 65 21.82 6.07 -11.77
N VAL A 66 21.77 7.27 -12.36
CA VAL A 66 22.41 8.44 -11.78
C VAL A 66 21.44 9.11 -10.83
N VAL A 67 21.87 9.35 -9.60
CA VAL A 67 21.03 9.89 -8.54
C VAL A 67 21.62 11.22 -8.08
N SER A 68 20.78 12.25 -8.05
CA SER A 68 21.16 13.56 -7.55
C SER A 68 20.39 13.87 -6.27
N VAL A 69 21.08 14.41 -5.28
CA VAL A 69 20.50 14.68 -3.97
C VAL A 69 20.54 16.18 -3.72
N LEU A 70 19.38 16.75 -3.37
CA LEU A 70 19.25 18.17 -3.06
C LEU A 70 18.73 18.30 -1.63
N THR A 71 19.59 18.77 -0.73
CA THR A 71 19.17 19.01 0.65
C THR A 71 18.42 20.33 0.74
N VAL A 72 17.25 20.30 1.37
CA VAL A 72 16.41 21.48 1.50
C VAL A 72 16.28 21.84 2.97
N LEU A 73 15.99 23.12 3.20
CA LEU A 73 15.78 23.60 4.56
C LEU A 73 14.50 23.01 5.15
N HIS A 74 14.50 22.83 6.47
CA HIS A 74 13.35 22.22 7.14
C HIS A 74 12.10 23.07 6.97
N GLN A 75 12.23 24.38 7.19
CA GLN A 75 11.07 25.27 7.07
C GLN A 75 10.70 25.54 5.62
N ASP A 76 11.69 25.54 4.72
CA ASP A 76 11.40 25.79 3.31
C ASP A 76 10.51 24.70 2.72
N TRP A 77 10.77 23.44 3.04
CA TRP A 77 9.92 22.36 2.58
C TRP A 77 8.52 22.46 3.20
N LEU A 78 8.44 22.78 4.49
CA LEU A 78 7.16 22.87 5.18
C LEU A 78 6.33 24.07 4.74
N ASN A 79 6.91 25.01 4.02
CA ASN A 79 6.17 26.17 3.52
C ASN A 79 5.56 25.95 2.15
N GLY A 80 5.70 24.75 1.58
CA GLY A 80 5.11 24.46 0.28
C GLY A 80 5.91 24.92 -0.90
N LYS A 81 7.21 25.18 -0.73
CA LYS A 81 8.04 25.60 -1.85
C LYS A 81 8.18 24.47 -2.86
N GLU A 82 8.23 24.83 -4.13
CA GLU A 82 8.30 23.87 -5.23
C GLU A 82 9.75 23.71 -5.68
N TYR A 83 10.20 22.47 -5.78
CA TYR A 83 11.56 22.14 -6.18
C TYR A 83 11.55 21.47 -7.55
N LYS A 84 12.37 21.98 -8.46
CA LYS A 84 12.42 21.50 -9.84
C LYS A 84 13.75 20.81 -10.10
N CYS A 85 13.70 19.62 -10.67
CA CYS A 85 14.89 18.89 -11.10
C CYS A 85 14.93 18.90 -12.63
N LYS A 86 15.98 19.48 -13.19
CA LYS A 86 16.16 19.58 -14.64
C LYS A 86 17.30 18.68 -15.05
N VAL A 87 17.03 17.75 -15.96
CA VAL A 87 18.00 16.74 -16.39
C VAL A 87 18.19 16.87 -17.89
N SER A 88 19.45 16.91 -18.32
CA SER A 88 19.81 17.01 -19.72
C SER A 88 20.66 15.81 -20.11
N ASN A 89 20.34 15.19 -21.25
CA ASN A 89 21.08 14.04 -21.74
C ASN A 89 21.04 14.05 -23.27
N LYS A 90 22.08 13.49 -23.87
CA LYS A 90 22.15 13.47 -25.33
C LYS A 90 21.07 12.58 -25.94
N ALA A 91 20.62 11.55 -25.22
CA ALA A 91 19.57 10.69 -25.71
C ALA A 91 18.18 11.28 -25.55
N LEU A 92 18.05 12.38 -24.83
CA LEU A 92 16.76 13.05 -24.62
C LEU A 92 16.56 14.12 -25.68
N PRO A 93 15.45 14.10 -26.41
CA PRO A 93 15.20 15.18 -27.39
C PRO A 93 15.12 16.55 -26.75
N ALA A 94 14.59 16.64 -25.53
CA ALA A 94 14.52 17.88 -24.78
C ALA A 94 14.79 17.57 -23.32
N PRO A 95 15.34 18.54 -22.57
CA PRO A 95 15.56 18.32 -21.14
C PRO A 95 14.24 18.07 -20.42
N ILE A 96 14.29 17.18 -19.43
CA ILE A 96 13.11 16.79 -18.66
C ILE A 96 13.14 17.54 -17.34
N GLU A 97 12.06 18.26 -17.04
CA GLU A 97 11.92 19.00 -15.80
C GLU A 97 10.84 18.34 -14.94
N LYS A 98 11.20 18.02 -13.70
CA LYS A 98 10.28 17.45 -12.73
C LYS A 98 10.16 18.36 -11.53
N THR A 99 8.94 18.73 -11.17
CA THR A 99 8.67 19.62 -10.05
C THR A 99 7.78 18.90 -9.05
N ILE A 100 8.19 18.90 -7.78
CA ILE A 100 7.43 18.29 -6.70
C ILE A 100 7.38 19.28 -5.53
N SER A 101 6.36 19.09 -4.69
CA SER A 101 6.19 19.95 -3.53
C SER A 101 5.34 19.22 -2.51
N LYS A 102 5.35 19.73 -1.28
CA LYS A 102 4.53 19.16 -0.22
C LYS A 102 3.05 19.36 -0.53
N ALA A 103 2.23 18.44 -0.05
CA ALA A 103 0.79 18.52 -0.28
C ALA A 103 0.23 19.80 0.34
N LYS A 104 -0.56 20.53 -0.45
CA LYS A 104 -1.10 21.80 -0.01
C LYS A 104 -2.31 21.58 0.90
N GLY A 105 -2.45 22.45 1.89
CA GLY A 105 -3.57 22.41 2.81
C GLY A 105 -3.12 22.65 4.24
N GLN A 106 -4.08 22.98 5.08
CA GLN A 106 -3.80 23.20 6.49
C GLN A 106 -3.47 21.88 7.18
N PRO A 107 -2.37 21.80 7.94
CA PRO A 107 -2.09 20.58 8.69
C PRO A 107 -3.16 20.29 9.72
N ARG A 108 -3.48 19.01 9.90
CA ARG A 108 -4.43 18.56 10.90
C ARG A 108 -3.70 17.75 11.95
N GLU A 109 -4.10 17.94 13.21
CA GLU A 109 -3.40 17.30 14.32
C GLU A 109 -3.73 15.81 14.37
N PRO A 110 -2.74 14.93 14.30
CA PRO A 110 -3.03 13.50 14.44
C PRO A 110 -3.52 13.17 15.84
N GLN A 111 -4.40 12.18 15.90
CA GLN A 111 -4.97 11.70 17.16
C GLN A 111 -4.41 10.31 17.41
N VAL A 112 -3.60 10.17 18.47
CA VAL A 112 -2.87 8.94 18.76
C VAL A 112 -3.66 8.14 19.78
N TYR A 113 -3.96 6.89 19.44
CA TYR A 113 -4.64 5.97 20.34
C TYR A 113 -3.97 4.61 20.27
N THR A 114 -3.85 3.95 21.42
CA THR A 114 -3.20 2.65 21.51
C THR A 114 -4.21 1.61 21.95
N LEU A 115 -4.14 0.44 21.31
CA LEU A 115 -5.09 -0.65 21.54
C LEU A 115 -4.39 -1.86 22.12
N PRO A 116 -4.83 -2.38 23.27
CA PRO A 116 -4.22 -3.60 23.82
C PRO A 116 -4.55 -4.79 22.94
N PRO A 117 -3.73 -5.84 23.00
CA PRO A 117 -3.98 -7.01 22.14
C PRO A 117 -5.32 -7.67 22.46
N SER A 118 -5.87 -8.34 21.45
CA SER A 118 -7.17 -8.99 21.60
C SER A 118 -7.10 -10.09 22.66
N ARG A 119 -8.18 -10.21 23.43
CA ARG A 119 -8.25 -11.24 24.46
C ARG A 119 -8.24 -12.63 23.84
N ASP A 120 -8.85 -12.79 22.66
CA ASP A 120 -8.76 -14.06 21.94
C ASP A 120 -7.35 -14.32 21.41
N GLU A 121 -6.55 -13.28 21.23
CA GLU A 121 -5.19 -13.41 20.73
C GLU A 121 -4.17 -13.69 21.83
N LEU A 122 -4.60 -13.71 23.09
CA LEU A 122 -3.71 -14.03 24.20
C LEU A 122 -3.39 -15.51 24.29
N THR A 123 -3.89 -16.33 23.37
CA THR A 123 -3.57 -17.75 23.31
C THR A 123 -2.36 -18.04 22.44
N LYS A 124 -1.73 -17.02 21.88
CA LYS A 124 -0.56 -17.19 21.03
C LYS A 124 0.71 -16.81 21.79
N ASN A 125 1.83 -17.39 21.36
CA ASN A 125 3.10 -17.14 22.04
C ASN A 125 3.51 -15.67 21.96
N GLN A 126 3.11 -14.98 20.90
CA GLN A 126 3.41 -13.56 20.73
C GLN A 126 2.14 -12.80 20.46
N VAL A 127 2.01 -11.63 21.08
CA VAL A 127 0.86 -10.77 20.90
C VAL A 127 1.24 -9.58 20.02
N SER A 128 0.24 -8.82 19.60
CA SER A 128 0.44 -7.66 18.73
C SER A 128 -0.13 -6.42 19.38
N LEU A 129 0.69 -5.38 19.48
CA LEU A 129 0.24 -4.08 19.98
C LEU A 129 -0.19 -3.21 18.82
N THR A 130 -1.29 -2.46 19.02
CA THR A 130 -1.86 -1.63 17.98
C THR A 130 -1.81 -0.16 18.41
N CYS A 131 -1.36 0.70 17.51
CA CYS A 131 -1.35 2.14 17.73
C CYS A 131 -2.07 2.81 16.58
N LEU A 132 -3.17 3.49 16.87
CA LEU A 132 -4.01 4.11 15.86
C LEU A 132 -3.67 5.60 15.79
N VAL A 133 -3.26 6.05 14.61
CA VAL A 133 -2.98 7.47 14.36
C VAL A 133 -3.86 7.90 13.20
N LYS A 134 -4.72 8.89 13.44
CA LYS A 134 -5.67 9.32 12.43
C LYS A 134 -5.89 10.82 12.55
N GLY A 135 -6.60 11.38 11.57
CA GLY A 135 -6.94 12.79 11.61
C GLY A 135 -5.80 13.75 11.31
N PHE A 136 -4.76 13.29 10.61
CA PHE A 136 -3.63 14.14 10.27
C PHE A 136 -3.61 14.45 8.78
N TYR A 137 -2.86 15.49 8.43
CA TYR A 137 -2.70 15.92 7.04
C TYR A 137 -1.45 16.77 6.96
N PRO A 138 -0.60 16.59 5.94
CA PRO A 138 -0.72 15.59 4.87
C PRO A 138 -0.35 14.18 5.34
N SER A 139 -0.21 13.27 4.37
CA SER A 139 0.07 11.87 4.68
C SER A 139 1.48 11.64 5.21
N ASP A 140 2.36 12.65 5.16
CA ASP A 140 3.72 12.48 5.65
C ASP A 140 3.73 12.37 7.16
N ILE A 141 4.16 11.22 7.67
CA ILE A 141 4.16 10.96 9.10
C ILE A 141 5.10 9.79 9.37
N ALA A 142 5.67 9.75 10.57
CA ALA A 142 6.59 8.69 10.97
C ALA A 142 6.18 8.16 12.33
N VAL A 143 6.16 6.83 12.46
CA VAL A 143 5.75 6.15 13.69
C VAL A 143 6.89 5.26 14.16
N GLU A 144 7.24 5.38 15.43
CA GLU A 144 8.29 4.57 16.04
C GLU A 144 7.79 4.06 17.39
N TRP A 145 8.39 2.95 17.84
CA TRP A 145 8.05 2.33 19.11
C TRP A 145 9.22 2.44 20.08
N GLU A 146 8.91 2.28 21.37
CA GLU A 146 9.90 2.42 22.41
C GLU A 146 9.43 1.65 23.64
N SER A 147 10.39 1.34 24.52
CA SER A 147 10.08 0.65 25.77
C SER A 147 11.21 0.92 26.76
N ASN A 148 10.89 1.65 27.83
CA ASN A 148 11.87 1.99 28.87
C ASN A 148 13.09 2.69 28.28
N GLY A 149 12.86 3.60 27.35
CA GLY A 149 13.93 4.35 26.73
C GLY A 149 14.67 3.62 25.62
N GLN A 150 14.24 2.42 25.25
CA GLN A 150 14.89 1.65 24.21
C GLN A 150 13.91 1.36 23.07
N PRO A 151 14.33 1.50 21.82
CA PRO A 151 13.42 1.26 20.69
C PRO A 151 12.97 -0.20 20.64
N GLU A 152 11.76 -0.41 20.15
CA GLU A 152 11.18 -1.74 19.95
C GLU A 152 11.17 -2.03 18.45
N ASN A 153 12.17 -2.75 17.98
CA ASN A 153 12.35 -2.98 16.55
C ASN A 153 11.80 -4.35 16.13
N ASN A 154 10.49 -4.53 16.34
CA ASN A 154 9.80 -5.71 15.83
C ASN A 154 8.40 -5.35 15.35
N TYR A 155 8.27 -4.25 14.62
CA TYR A 155 6.96 -3.71 14.28
C TYR A 155 6.83 -3.51 12.78
N LYS A 156 5.57 -3.51 12.33
CA LYS A 156 5.20 -3.20 10.96
C LYS A 156 4.14 -2.12 10.97
N THR A 157 4.15 -1.27 9.95
CA THR A 157 3.22 -0.15 9.85
C THR A 157 2.63 -0.10 8.45
N THR A 158 1.31 0.09 8.37
CA THR A 158 0.62 0.23 7.10
C THR A 158 0.82 1.62 6.53
N PRO A 159 0.81 1.76 5.21
CA PRO A 159 0.90 3.09 4.60
C PRO A 159 -0.32 3.93 4.91
N PRO A 160 -0.20 5.26 4.89
CA PRO A 160 -1.37 6.11 5.15
C PRO A 160 -2.49 5.83 4.17
N VAL A 161 -3.73 5.86 4.68
CA VAL A 161 -4.92 5.56 3.90
C VAL A 161 -5.83 6.78 3.96
N LEU A 162 -6.31 7.21 2.79
CA LEU A 162 -7.23 8.34 2.72
C LEU A 162 -8.55 7.98 3.41
N ASP A 163 -9.07 8.92 4.19
CA ASP A 163 -10.28 8.71 4.96
C ASP A 163 -11.45 9.45 4.32
N SER A 164 -12.64 9.23 4.88
CA SER A 164 -13.85 9.85 4.34
C SER A 164 -13.81 11.37 4.50
N ASP A 165 -13.33 11.86 5.64
CA ASP A 165 -13.29 13.28 5.90
C ASP A 165 -12.16 14.00 5.16
N GLY A 166 -11.26 13.25 4.51
CA GLY A 166 -10.15 13.81 3.79
C GLY A 166 -8.81 13.68 4.48
N SER A 167 -8.78 13.33 5.76
CA SER A 167 -7.53 13.14 6.47
C SER A 167 -6.97 11.75 6.16
N PHE A 168 -5.92 11.35 6.86
CA PHE A 168 -5.29 10.06 6.67
C PHE A 168 -5.22 9.31 8.01
N PHE A 169 -5.21 7.98 7.91
CA PHE A 169 -5.11 7.13 9.08
C PHE A 169 -4.20 5.95 8.75
N LEU A 170 -3.62 5.36 9.79
CA LEU A 170 -2.78 4.18 9.63
C LEU A 170 -2.74 3.42 10.94
N TYR A 171 -2.27 2.18 10.87
CA TYR A 171 -2.11 1.31 12.03
C TYR A 171 -0.66 0.86 12.11
N SER A 172 -0.13 0.79 13.33
CA SER A 172 1.20 0.26 13.60
C SER A 172 1.05 -0.97 14.49
N LYS A 173 1.61 -2.09 14.05
CA LYS A 173 1.49 -3.36 14.76
C LYS A 173 2.86 -3.75 15.29
N LEU A 174 3.01 -3.76 16.61
CA LEU A 174 4.24 -4.17 17.27
C LEU A 174 4.06 -5.58 17.82
N THR A 175 4.92 -6.50 17.41
CA THR A 175 4.87 -7.89 17.86
C THR A 175 5.94 -8.12 18.91
N VAL A 176 5.51 -8.49 20.11
CA VAL A 176 6.39 -8.74 21.24
C VAL A 176 6.01 -10.06 21.89
N ASP A 177 6.82 -10.49 22.85
CA ASP A 177 6.52 -11.69 23.61
C ASP A 177 5.29 -11.47 24.48
N LYS A 178 4.45 -12.50 24.57
CA LYS A 178 3.25 -12.42 25.40
C LYS A 178 3.61 -12.25 26.87
N SER A 179 4.72 -12.85 27.31
CA SER A 179 5.13 -12.73 28.71
C SER A 179 5.46 -11.29 29.07
N ARG A 180 6.13 -10.58 28.16
N ARG A 180 6.13 -10.57 28.16
CA ARG A 180 6.51 -9.19 28.43
CA ARG A 180 6.50 -9.19 28.44
C ARG A 180 5.28 -8.31 28.61
C ARG A 180 5.28 -8.30 28.61
N TRP A 181 4.24 -8.51 27.79
CA TRP A 181 3.03 -7.71 27.91
C TRP A 181 2.33 -7.97 29.24
N GLN A 182 2.30 -9.23 29.69
CA GLN A 182 1.61 -9.57 30.92
C GLN A 182 2.39 -9.25 32.19
N GLN A 183 3.65 -8.85 32.06
CA GLN A 183 4.46 -8.47 33.22
C GLN A 183 4.33 -7.01 33.60
N GLY A 184 3.55 -6.23 32.84
CA GLY A 184 3.34 -4.84 33.16
C GLY A 184 4.28 -3.87 32.48
N ASN A 185 5.01 -4.30 31.46
CA ASN A 185 5.92 -3.43 30.75
C ASN A 185 5.17 -2.32 30.03
N VAL A 186 5.79 -1.15 29.94
CA VAL A 186 5.18 0.03 29.34
C VAL A 186 5.83 0.25 27.98
N PHE A 187 5.00 0.25 26.93
CA PHE A 187 5.45 0.51 25.58
C PHE A 187 4.88 1.84 25.10
N SER A 188 5.71 2.62 24.43
CA SER A 188 5.35 3.96 23.97
CA SER A 188 5.35 3.96 23.97
C SER A 188 5.27 3.99 22.45
N CYS A 189 4.22 4.61 21.92
CA CYS A 189 4.03 4.78 20.48
C CYS A 189 4.38 6.23 20.14
N SER A 190 5.46 6.42 19.40
CA SER A 190 5.96 7.75 19.08
C SER A 190 5.50 8.17 17.70
N VAL A 191 4.89 9.35 17.62
CA VAL A 191 4.36 9.89 16.38
C VAL A 191 5.00 11.25 16.12
N MET A 192 5.50 11.44 14.90
CA MET A 192 6.16 12.69 14.49
C MET A 192 5.38 13.29 13.34
N HIS A 193 4.60 14.33 13.63
CA HIS A 193 3.82 15.04 12.63
C HIS A 193 3.99 16.55 12.82
N GLU A 194 3.95 17.29 11.71
CA GLU A 194 4.23 18.72 11.77
C GLU A 194 3.16 19.48 12.55
N ALA A 195 1.90 19.04 12.48
CA ALA A 195 0.83 19.75 13.18
C ALA A 195 1.01 19.71 14.69
N LEU A 196 1.58 18.62 15.21
CA LEU A 196 1.81 18.52 16.65
C LEU A 196 2.80 19.58 17.11
N HIS A 197 2.59 20.09 18.32
CA HIS A 197 3.53 21.03 18.91
C HIS A 197 4.87 20.34 19.13
N ASN A 198 5.95 21.01 18.72
CA ASN A 198 7.30 20.47 18.76
C ASN A 198 7.46 19.22 17.90
N HIS A 199 6.49 18.98 17.01
CA HIS A 199 6.53 17.90 16.01
C HIS A 199 6.61 16.50 16.64
N TYR A 200 6.19 16.35 17.90
CA TYR A 200 6.30 15.06 18.56
C TYR A 200 5.21 14.89 19.61
N THR A 201 4.72 13.66 19.73
CA THR A 201 3.84 13.25 20.81
C THR A 201 3.97 11.74 20.96
N GLN A 202 3.51 11.24 22.10
CA GLN A 202 3.59 9.81 22.36
C GLN A 202 2.49 9.38 23.31
N LYS A 203 1.92 8.20 23.06
CA LYS A 203 0.93 7.58 23.92
C LYS A 203 1.47 6.23 24.39
N SER A 204 1.44 6.02 25.71
CA SER A 204 1.96 4.79 26.29
CA SER A 204 1.96 4.79 26.29
C SER A 204 0.86 3.73 26.36
N LEU A 205 1.24 2.48 26.10
CA LEU A 205 0.33 1.35 26.15
C LEU A 205 0.93 0.29 27.05
N SER A 206 0.12 -0.23 27.97
CA SER A 206 0.57 -1.24 28.92
C SER A 206 -0.63 -2.05 29.40
N LEU A 207 -0.34 -3.08 30.19
CA LEU A 207 -1.38 -3.95 30.75
C LEU A 207 -1.99 -3.33 32.00
N GLY B 1 5.49 -0.99 -28.51
CA GLY B 1 4.17 -0.62 -28.99
C GLY B 1 3.08 -0.85 -27.97
N PRO B 2 2.18 -1.79 -28.25
CA PRO B 2 1.10 -2.09 -27.29
C PRO B 2 1.65 -2.60 -25.97
N SER B 3 0.94 -2.27 -24.90
CA SER B 3 1.29 -2.71 -23.55
C SER B 3 0.21 -3.67 -23.05
N VAL B 4 0.64 -4.79 -22.48
CA VAL B 4 -0.26 -5.85 -22.05
C VAL B 4 -0.29 -5.87 -20.53
N PHE B 5 -1.50 -5.84 -19.96
CA PHE B 5 -1.70 -5.92 -18.52
C PHE B 5 -2.67 -7.05 -18.22
N LEU B 6 -2.30 -7.91 -17.27
CA LEU B 6 -3.09 -9.07 -16.89
C LEU B 6 -3.60 -8.90 -15.47
N PHE B 7 -4.90 -9.09 -15.28
CA PHE B 7 -5.54 -8.87 -13.99
C PHE B 7 -6.10 -10.19 -13.46
N PRO B 8 -5.75 -10.58 -12.23
CA PRO B 8 -6.20 -11.87 -11.70
C PRO B 8 -7.65 -11.81 -11.26
N PRO B 9 -8.29 -12.96 -11.09
CA PRO B 9 -9.65 -12.97 -10.54
C PRO B 9 -9.68 -12.41 -9.12
N LYS B 10 -10.78 -11.76 -8.79
CA LYS B 10 -10.95 -11.17 -7.47
C LYS B 10 -11.03 -12.26 -6.41
N PRO B 11 -10.56 -11.99 -5.19
CA PRO B 11 -10.54 -13.05 -4.16
C PRO B 11 -11.90 -13.67 -3.87
N LYS B 12 -12.97 -12.87 -3.85
CA LYS B 12 -14.28 -13.42 -3.56
C LYS B 12 -14.79 -14.33 -4.67
N ASP B 13 -14.42 -14.02 -5.92
CA ASP B 13 -14.93 -14.79 -7.05
C ASP B 13 -14.47 -16.25 -7.01
N THR B 14 -13.20 -16.47 -6.65
CA THR B 14 -12.67 -17.83 -6.64
C THR B 14 -13.13 -18.62 -5.44
N LEU B 15 -13.41 -17.96 -4.31
CA LEU B 15 -13.77 -18.65 -3.08
C LEU B 15 -15.24 -19.04 -3.00
N MET B 16 -16.08 -18.51 -3.88
CA MET B 16 -17.51 -18.80 -3.86
C MET B 16 -17.91 -19.43 -5.18
N ILE B 17 -18.53 -20.61 -5.10
CA ILE B 17 -18.99 -21.30 -6.31
C ILE B 17 -20.14 -20.56 -6.98
N SER B 18 -20.84 -19.71 -6.23
CA SER B 18 -21.90 -18.90 -6.84
C SER B 18 -21.33 -17.87 -7.81
N ARG B 19 -20.21 -17.26 -7.46
CA ARG B 19 -19.58 -16.27 -8.31
C ARG B 19 -18.72 -16.95 -9.38
N THR B 20 -18.41 -16.19 -10.43
CA THR B 20 -17.64 -16.69 -11.56
C THR B 20 -16.33 -15.94 -11.70
N PRO B 21 -15.20 -16.52 -11.29
CA PRO B 21 -13.91 -15.84 -11.45
C PRO B 21 -13.52 -15.72 -12.92
N GLU B 22 -12.84 -14.62 -13.24
CA GLU B 22 -12.37 -14.36 -14.59
C GLU B 22 -10.99 -13.71 -14.53
N VAL B 23 -10.19 -13.99 -15.55
CA VAL B 23 -8.87 -13.36 -15.71
C VAL B 23 -8.95 -12.44 -16.92
N THR B 24 -8.57 -11.18 -16.73
CA THR B 24 -8.72 -10.14 -17.74
C THR B 24 -7.36 -9.79 -18.33
N CYS B 25 -7.28 -9.81 -19.66
CA CYS B 25 -6.06 -9.48 -20.39
C CYS B 25 -6.31 -8.21 -21.18
N VAL B 26 -5.90 -7.07 -20.63
CA VAL B 26 -6.14 -5.76 -21.21
C VAL B 26 -4.92 -5.33 -22.01
N VAL B 27 -5.14 -4.89 -23.25
CA VAL B 27 -4.08 -4.39 -24.13
C VAL B 27 -4.43 -2.96 -24.51
N VAL B 28 -3.47 -2.05 -24.29
CA VAL B 28 -3.65 -0.65 -24.63
C VAL B 28 -2.59 -0.22 -25.62
N ASP B 29 -2.62 1.05 -26.03
CA ASP B 29 -1.65 1.62 -26.96
C ASP B 29 -1.61 0.86 -28.28
N VAL B 30 -2.77 0.81 -28.94
CA VAL B 30 -2.93 0.12 -30.21
C VAL B 30 -3.05 1.17 -31.31
N SER B 31 -2.13 1.15 -32.26
CA SER B 31 -2.11 2.13 -33.33
C SER B 31 -3.11 1.74 -34.43
N HIS B 32 -3.31 2.68 -35.35
CA HIS B 32 -4.22 2.44 -36.47
C HIS B 32 -3.56 1.68 -37.62
N GLU B 33 -2.23 1.74 -37.74
CA GLU B 33 -1.55 0.99 -38.78
C GLU B 33 -1.57 -0.51 -38.47
N ASP B 34 -1.52 -0.88 -37.20
CA ASP B 34 -1.61 -2.28 -36.77
C ASP B 34 -2.66 -2.39 -35.67
N PRO B 35 -3.95 -2.29 -36.04
CA PRO B 35 -5.01 -2.25 -35.03
C PRO B 35 -5.43 -3.64 -34.56
N GLU B 36 -5.26 -4.65 -35.40
CA GLU B 36 -5.72 -5.99 -35.06
C GLU B 36 -4.89 -6.58 -33.93
N VAL B 37 -5.58 -7.21 -32.97
CA VAL B 37 -4.95 -7.81 -31.80
C VAL B 37 -5.45 -9.25 -31.67
N LYS B 38 -4.52 -10.18 -31.50
CA LYS B 38 -4.83 -11.59 -31.34
C LYS B 38 -4.41 -12.06 -29.96
N PHE B 39 -5.28 -12.83 -29.31
CA PHE B 39 -5.04 -13.35 -27.97
C PHE B 39 -4.90 -14.86 -28.00
N ASN B 40 -3.89 -15.37 -27.31
CA ASN B 40 -3.72 -16.80 -27.08
C ASN B 40 -3.76 -17.06 -25.59
N TRP B 41 -4.57 -18.03 -25.17
CA TRP B 41 -4.73 -18.37 -23.77
C TRP B 41 -4.16 -19.76 -23.51
N TYR B 42 -3.41 -19.90 -22.42
CA TYR B 42 -2.80 -21.16 -22.04
C TYR B 42 -3.05 -21.41 -20.57
N VAL B 43 -3.40 -22.65 -20.23
CA VAL B 43 -3.59 -23.09 -18.85
C VAL B 43 -2.58 -24.20 -18.60
N ASP B 44 -1.55 -23.88 -17.80
CA ASP B 44 -0.45 -24.81 -17.53
C ASP B 44 0.21 -25.28 -18.83
N GLY B 45 0.27 -24.36 -19.80
CA GLY B 45 0.87 -24.66 -21.09
C GLY B 45 -0.08 -25.19 -22.13
N VAL B 46 -1.29 -25.62 -21.74
CA VAL B 46 -2.27 -26.15 -22.68
C VAL B 46 -3.18 -25.02 -23.13
N GLU B 47 -3.32 -24.86 -24.44
CA GLU B 47 -4.14 -23.79 -24.98
C GLU B 47 -5.62 -24.11 -24.82
N VAL B 48 -6.41 -23.08 -24.49
CA VAL B 48 -7.85 -23.20 -24.36
C VAL B 48 -8.50 -22.22 -25.33
N HIS B 49 -9.76 -22.50 -25.65
CA HIS B 49 -10.49 -21.71 -26.65
C HIS B 49 -11.88 -21.33 -26.15
N ASN B 50 -12.02 -21.13 -24.84
CA ASN B 50 -13.30 -20.74 -24.25
C ASN B 50 -13.32 -19.29 -23.81
N ALA B 51 -12.37 -18.49 -24.27
CA ALA B 51 -12.32 -17.08 -23.91
C ALA B 51 -13.30 -16.27 -24.75
N LYS B 52 -13.51 -15.02 -24.34
CA LYS B 52 -14.40 -14.10 -25.03
C LYS B 52 -13.65 -12.80 -25.27
N THR B 53 -13.28 -12.53 -26.51
CA THR B 53 -12.58 -11.31 -26.89
C THR B 53 -13.57 -10.32 -27.50
N LYS B 54 -13.59 -9.11 -26.97
CA LYS B 54 -14.48 -8.05 -27.43
C LYS B 54 -13.82 -7.19 -28.50
N PRO B 55 -14.62 -6.57 -29.36
CA PRO B 55 -14.02 -5.72 -30.42
C PRO B 55 -13.26 -4.54 -29.83
N ARG B 56 -12.26 -4.10 -30.57
CA ARG B 56 -11.43 -2.99 -30.12
C ARG B 56 -12.23 -1.70 -30.02
N GLU B 57 -11.96 -0.92 -28.98
CA GLU B 57 -12.62 0.36 -28.76
C GLU B 57 -11.57 1.47 -28.74
N GLU B 58 -11.79 2.50 -29.55
CA GLU B 58 -10.82 3.58 -29.65
C GLU B 58 -10.89 4.48 -28.42
N GLN B 59 -9.73 4.79 -27.86
CA GLN B 59 -9.65 5.68 -26.71
C GLN B 59 -9.60 7.14 -27.20
N TYR B 60 -9.31 8.06 -26.30
CA TYR B 60 -9.30 9.48 -26.61
C TYR B 60 -7.92 10.04 -26.95
N ASN B 61 -6.89 9.19 -27.01
CA ASN B 61 -5.56 9.63 -27.41
C ASN B 61 -5.07 8.88 -28.65
N SER B 62 -5.97 8.75 -29.63
CA SER B 62 -5.66 8.16 -30.94
C SER B 62 -5.12 6.73 -30.83
N THR B 63 -5.60 5.99 -29.83
CA THR B 63 -5.21 4.60 -29.65
C THR B 63 -6.44 3.77 -29.35
N TYR B 64 -6.37 2.48 -29.67
CA TYR B 64 -7.43 1.54 -29.39
C TYR B 64 -7.16 0.79 -28.09
N ARG B 65 -8.16 0.01 -27.65
CA ARG B 65 -8.06 -0.75 -26.42
C ARG B 65 -8.85 -2.03 -26.58
N VAL B 66 -8.19 -3.17 -26.36
CA VAL B 66 -8.80 -4.48 -26.55
C VAL B 66 -8.71 -5.24 -25.23
N VAL B 67 -9.81 -5.92 -24.88
CA VAL B 67 -9.91 -6.69 -23.65
C VAL B 67 -10.32 -8.11 -23.99
N SER B 68 -9.58 -9.09 -23.49
CA SER B 68 -9.90 -10.50 -23.64
C SER B 68 -10.11 -11.11 -22.26
N VAL B 69 -11.22 -11.81 -22.08
CA VAL B 69 -11.61 -12.37 -20.80
C VAL B 69 -11.66 -13.89 -20.93
N LEU B 70 -10.95 -14.58 -20.03
CA LEU B 70 -10.96 -16.04 -19.96
C LEU B 70 -11.61 -16.46 -18.66
N THR B 71 -12.61 -17.33 -18.75
CA THR B 71 -13.27 -17.85 -17.55
C THR B 71 -12.43 -18.99 -16.96
N VAL B 72 -12.27 -18.97 -15.64
CA VAL B 72 -11.47 -19.97 -14.95
C VAL B 72 -12.35 -20.68 -13.94
N LEU B 73 -11.96 -21.92 -13.60
CA LEU B 73 -12.71 -22.69 -12.63
C LEU B 73 -12.29 -22.32 -11.21
N HIS B 74 -13.21 -22.55 -10.27
CA HIS B 74 -12.93 -22.21 -8.88
C HIS B 74 -11.77 -23.02 -8.32
N GLN B 75 -11.75 -24.33 -8.60
CA GLN B 75 -10.66 -25.17 -8.11
C GLN B 75 -9.38 -24.98 -8.90
N ASP B 76 -9.49 -24.69 -10.20
CA ASP B 76 -8.29 -24.53 -11.02
C ASP B 76 -7.43 -23.38 -10.52
N TRP B 77 -8.05 -22.24 -10.20
CA TRP B 77 -7.30 -21.12 -9.63
C TRP B 77 -6.80 -21.46 -8.23
N LEU B 78 -7.63 -22.11 -7.41
CA LEU B 78 -7.21 -22.50 -6.07
C LEU B 78 -6.09 -23.53 -6.12
N ASN B 79 -6.01 -24.31 -7.21
CA ASN B 79 -4.87 -25.19 -7.42
C ASN B 79 -3.70 -24.47 -8.08
N GLY B 80 -3.88 -23.21 -8.46
CA GLY B 80 -2.77 -22.39 -8.93
C GLY B 80 -2.35 -22.59 -10.36
N LYS B 81 -3.20 -23.17 -11.21
CA LYS B 81 -2.86 -23.34 -12.61
C LYS B 81 -2.61 -21.99 -13.27
N GLU B 82 -1.42 -21.79 -13.81
CA GLU B 82 -1.06 -20.51 -14.38
C GLU B 82 -1.82 -20.25 -15.68
N TYR B 83 -2.14 -18.98 -15.91
CA TYR B 83 -2.85 -18.55 -17.11
C TYR B 83 -1.97 -17.56 -17.86
N LYS B 84 -1.62 -17.90 -19.10
CA LYS B 84 -0.74 -17.09 -19.92
C LYS B 84 -1.53 -16.46 -21.05
N CYS B 85 -1.44 -15.13 -21.17
CA CYS B 85 -2.07 -14.40 -22.26
C CYS B 85 -0.99 -14.01 -23.26
N LYS B 86 -1.06 -14.58 -24.46
CA LYS B 86 -0.11 -14.29 -25.53
C LYS B 86 -0.78 -13.34 -26.51
N VAL B 87 -0.36 -12.09 -26.49
CA VAL B 87 -0.94 -11.03 -27.32
C VAL B 87 -0.05 -10.84 -28.53
N SER B 88 -0.63 -10.99 -29.72
CA SER B 88 0.09 -10.85 -30.98
C SER B 88 -0.41 -9.63 -31.73
N ASN B 89 0.51 -8.74 -32.09
CA ASN B 89 0.21 -7.56 -32.87
C ASN B 89 1.24 -7.41 -33.97
N LYS B 90 0.82 -6.85 -35.10
CA LYS B 90 1.71 -6.74 -36.25
C LYS B 90 2.78 -5.68 -36.06
N ALA B 91 2.60 -4.75 -35.11
CA ALA B 91 3.62 -3.78 -34.79
C ALA B 91 4.62 -4.28 -33.76
N LEU B 92 4.33 -5.39 -33.08
CA LEU B 92 5.23 -5.92 -32.07
C LEU B 92 6.32 -6.76 -32.71
N PRO B 93 7.52 -6.79 -32.10
CA PRO B 93 8.58 -7.68 -32.59
C PRO B 93 8.23 -9.14 -32.39
N ALA B 94 7.81 -9.49 -31.18
CA ALA B 94 7.39 -10.84 -30.82
C ALA B 94 6.15 -10.74 -29.95
N PRO B 95 5.28 -11.76 -29.98
CA PRO B 95 4.09 -11.72 -29.12
C PRO B 95 4.46 -11.63 -27.65
N ILE B 96 3.68 -10.86 -26.91
CA ILE B 96 3.92 -10.62 -25.50
C ILE B 96 3.19 -11.68 -24.69
N GLU B 97 3.93 -12.39 -23.84
CA GLU B 97 3.38 -13.45 -22.99
C GLU B 97 3.42 -12.97 -21.55
N LYS B 98 2.24 -12.76 -20.96
CA LYS B 98 2.10 -12.38 -19.57
C LYS B 98 1.40 -13.50 -18.81
N THR B 99 1.98 -13.91 -17.69
CA THR B 99 1.49 -15.04 -16.91
C THR B 99 1.18 -14.59 -15.49
N ILE B 100 0.05 -15.05 -14.95
CA ILE B 100 -0.33 -14.76 -13.59
C ILE B 100 -1.05 -15.98 -13.02
N SER B 101 -0.93 -16.15 -11.70
CA SER B 101 -1.56 -17.28 -11.01
C SER B 101 -1.59 -16.95 -9.52
N LYS B 102 -2.10 -17.90 -8.73
CA LYS B 102 -2.12 -17.74 -7.29
C LYS B 102 -0.69 -17.73 -6.74
N ALA B 103 -0.50 -17.01 -5.64
CA ALA B 103 0.83 -16.87 -5.06
C ALA B 103 1.39 -18.22 -4.62
N LYS B 104 2.66 -18.44 -4.95
CA LYS B 104 3.32 -19.69 -4.62
C LYS B 104 3.64 -19.74 -3.13
N GLY B 105 3.28 -20.86 -2.49
CA GLY B 105 3.48 -20.99 -1.06
C GLY B 105 2.50 -22.00 -0.48
N GLN B 106 2.35 -21.95 0.83
CA GLN B 106 1.50 -22.89 1.55
C GLN B 106 0.34 -22.14 2.19
N PRO B 107 -0.91 -22.48 1.86
CA PRO B 107 -2.06 -21.78 2.47
C PRO B 107 -2.07 -21.98 3.98
N ARG B 108 -2.07 -20.86 4.71
CA ARG B 108 -2.08 -20.85 6.16
C ARG B 108 -3.40 -20.28 6.65
N GLU B 109 -3.95 -20.87 7.71
CA GLU B 109 -5.27 -20.49 8.17
C GLU B 109 -5.26 -19.08 8.77
N PRO B 110 -6.13 -18.19 8.30
CA PRO B 110 -6.17 -16.84 8.87
C PRO B 110 -6.63 -16.85 10.31
N GLN B 111 -6.19 -15.83 11.06
CA GLN B 111 -6.57 -15.63 12.44
C GLN B 111 -7.19 -14.24 12.57
N VAL B 112 -8.47 -14.18 12.94
CA VAL B 112 -9.21 -12.93 12.96
C VAL B 112 -9.46 -12.52 14.41
N TYR B 113 -9.06 -11.30 14.75
CA TYR B 113 -9.26 -10.75 16.08
C TYR B 113 -9.86 -9.35 15.97
N THR B 114 -10.72 -9.01 16.93
CA THR B 114 -11.40 -7.72 16.96
C THR B 114 -10.96 -6.94 18.19
N LEU B 115 -10.83 -5.62 18.03
CA LEU B 115 -10.39 -4.75 19.10
C LEU B 115 -11.44 -3.68 19.40
N PRO B 116 -11.72 -3.42 20.67
CA PRO B 116 -12.63 -2.33 21.01
C PRO B 116 -11.96 -0.98 20.84
N PRO B 117 -12.73 0.12 20.81
CA PRO B 117 -12.12 1.44 20.70
C PRO B 117 -11.24 1.76 21.90
N SER B 118 -10.19 2.54 21.64
CA SER B 118 -9.30 2.96 22.72
C SER B 118 -10.03 3.88 23.69
N ARG B 119 -9.72 3.72 24.99
CA ARG B 119 -10.39 4.50 26.01
C ARG B 119 -10.15 5.99 25.83
N ASP B 120 -9.03 6.38 25.21
CA ASP B 120 -8.77 7.79 24.96
C ASP B 120 -9.69 8.35 23.89
N GLU B 121 -10.03 7.54 22.88
CA GLU B 121 -10.89 7.99 21.80
C GLU B 121 -12.36 8.09 22.20
N LEU B 122 -12.71 7.60 23.40
CA LEU B 122 -14.09 7.64 23.85
C LEU B 122 -14.60 9.05 24.10
N THR B 123 -13.71 10.05 24.13
CA THR B 123 -14.11 11.44 24.30
C THR B 123 -14.54 12.10 23.00
N LYS B 124 -14.45 11.40 21.88
CA LYS B 124 -14.80 11.94 20.58
C LYS B 124 -16.18 11.47 20.14
N ASN B 125 -16.77 12.23 19.21
CA ASN B 125 -18.05 11.83 18.63
C ASN B 125 -17.92 10.59 17.75
N GLN B 126 -16.72 10.31 17.24
CA GLN B 126 -16.47 9.16 16.39
C GLN B 126 -15.52 8.20 17.10
N VAL B 127 -15.83 6.92 17.03
CA VAL B 127 -15.00 5.87 17.62
C VAL B 127 -14.56 4.92 16.50
N SER B 128 -13.52 4.15 16.78
CA SER B 128 -12.91 3.27 15.80
C SER B 128 -13.04 1.82 16.24
N LEU B 129 -13.51 0.97 15.33
CA LEU B 129 -13.61 -0.47 15.55
C LEU B 129 -12.54 -1.15 14.71
N THR B 130 -11.75 -2.01 15.35
CA THR B 130 -10.58 -2.61 14.72
C THR B 130 -10.78 -4.10 14.53
N CYS B 131 -10.55 -4.59 13.31
CA CYS B 131 -10.54 -6.01 12.99
C CYS B 131 -9.14 -6.38 12.51
N LEU B 132 -8.46 -7.23 13.26
CA LEU B 132 -7.09 -7.64 12.95
C LEU B 132 -7.09 -9.07 12.44
N VAL B 133 -6.60 -9.27 11.23
CA VAL B 133 -6.45 -10.59 10.63
C VAL B 133 -4.97 -10.81 10.35
N LYS B 134 -4.44 -11.93 10.84
CA LYS B 134 -3.01 -12.21 10.76
C LYS B 134 -2.78 -13.67 10.41
N GLY B 135 -1.62 -13.93 9.82
CA GLY B 135 -1.16 -15.28 9.54
C GLY B 135 -1.72 -15.93 8.30
N PHE B 136 -2.48 -15.21 7.48
CA PHE B 136 -3.08 -15.79 6.30
C PHE B 136 -2.12 -15.76 5.12
N TYR B 137 -2.29 -16.72 4.21
CA TYR B 137 -1.51 -16.81 2.98
C TYR B 137 -2.31 -17.60 1.96
N PRO B 138 -2.39 -17.14 0.69
CA PRO B 138 -1.73 -15.95 0.14
C PRO B 138 -2.41 -14.63 0.52
N SER B 139 -2.06 -13.55 -0.19
CA SER B 139 -2.52 -12.22 0.16
C SER B 139 -3.93 -11.90 -0.34
N ASP B 140 -4.54 -12.79 -1.13
CA ASP B 140 -5.89 -12.57 -1.62
C ASP B 140 -6.89 -12.93 -0.52
N ILE B 141 -7.61 -11.94 -0.02
CA ILE B 141 -8.54 -12.14 1.10
C ILE B 141 -9.59 -11.04 1.02
N ALA B 142 -10.75 -11.30 1.61
CA ALA B 142 -11.86 -10.35 1.62
C ALA B 142 -12.22 -10.01 3.06
N VAL B 143 -12.35 -8.72 3.35
CA VAL B 143 -12.72 -8.23 4.67
C VAL B 143 -13.94 -7.32 4.52
N GLU B 144 -14.95 -7.55 5.34
CA GLU B 144 -16.19 -6.79 5.26
C GLU B 144 -16.76 -6.59 6.67
N TRP B 145 -17.60 -5.57 6.80
CA TRP B 145 -18.23 -5.24 8.07
C TRP B 145 -19.74 -5.23 7.91
N GLU B 146 -20.45 -5.73 8.93
CA GLU B 146 -21.90 -5.67 8.95
C GLU B 146 -22.37 -5.61 10.40
N SER B 147 -23.58 -5.10 10.58
CA SER B 147 -24.20 -4.99 11.89
C SER B 147 -25.70 -5.22 11.76
N ASN B 148 -26.26 -5.97 12.72
CA ASN B 148 -27.68 -6.31 12.72
C ASN B 148 -28.10 -7.04 11.45
N GLY B 149 -27.17 -7.74 10.83
CA GLY B 149 -27.43 -8.47 9.60
C GLY B 149 -27.31 -7.65 8.33
N GLN B 150 -27.04 -6.35 8.44
CA GLN B 150 -26.87 -5.51 7.26
C GLN B 150 -25.47 -4.91 7.23
N PRO B 151 -24.88 -4.76 6.04
CA PRO B 151 -23.51 -4.22 5.97
C PRO B 151 -23.45 -2.77 6.41
N GLU B 152 -22.31 -2.42 6.99
CA GLU B 152 -22.01 -1.03 7.33
C GLU B 152 -21.42 -0.31 6.13
N ASN B 153 -21.59 1.01 6.12
CA ASN B 153 -21.21 1.83 4.97
C ASN B 153 -19.83 2.48 5.12
N ASN B 154 -19.56 3.11 6.27
CA ASN B 154 -18.34 3.89 6.46
C ASN B 154 -17.31 3.06 7.23
N TYR B 155 -16.60 2.21 6.48
CA TYR B 155 -15.50 1.45 7.03
C TYR B 155 -14.39 1.35 5.99
N LYS B 156 -13.15 1.23 6.46
CA LYS B 156 -11.99 1.15 5.59
C LYS B 156 -11.13 -0.04 5.99
N THR B 157 -10.45 -0.62 5.00
CA THR B 157 -9.59 -1.78 5.20
C THR B 157 -8.20 -1.47 4.68
N THR B 158 -7.19 -1.71 5.50
CA THR B 158 -5.81 -1.48 5.11
C THR B 158 -5.31 -2.59 4.18
N PRO B 159 -4.37 -2.27 3.29
CA PRO B 159 -3.81 -3.30 2.43
C PRO B 159 -3.05 -4.34 3.23
N PRO B 160 -2.98 -5.58 2.74
CA PRO B 160 -2.23 -6.61 3.46
C PRO B 160 -0.75 -6.24 3.60
N VAL B 161 -0.18 -6.60 4.75
CA VAL B 161 1.23 -6.34 5.05
C VAL B 161 1.90 -7.67 5.37
N LEU B 162 3.04 -7.92 4.73
CA LEU B 162 3.76 -9.17 4.93
C LEU B 162 4.55 -9.12 6.23
N ASP B 163 4.42 -10.16 7.04
CA ASP B 163 5.12 -10.26 8.31
C ASP B 163 6.49 -10.92 8.11
N SER B 164 7.20 -11.11 9.23
CA SER B 164 8.53 -11.69 9.20
C SER B 164 8.52 -13.21 9.11
N ASP B 165 7.37 -13.86 9.32
CA ASP B 165 7.28 -15.31 9.30
C ASP B 165 6.84 -15.85 7.94
N GLY B 166 6.65 -14.99 6.95
CA GLY B 166 6.17 -15.42 5.65
C GLY B 166 4.67 -15.37 5.47
N SER B 167 3.95 -14.70 6.36
CA SER B 167 2.50 -14.56 6.28
C SER B 167 2.12 -13.08 6.27
N PHE B 168 0.87 -12.82 5.90
CA PHE B 168 0.37 -11.46 5.76
C PHE B 168 -0.55 -11.09 6.91
N PHE B 169 -0.78 -9.78 7.05
CA PHE B 169 -1.75 -9.27 8.02
C PHE B 169 -2.27 -7.94 7.50
N LEU B 170 -3.42 -7.53 8.05
CA LEU B 170 -4.04 -6.27 7.65
C LEU B 170 -4.94 -5.79 8.77
N TYR B 171 -5.35 -4.53 8.67
CA TYR B 171 -6.26 -3.91 9.63
C TYR B 171 -7.51 -3.42 8.92
N SER B 172 -8.64 -3.48 9.62
CA SER B 172 -9.91 -2.98 9.12
C SER B 172 -10.52 -2.08 10.17
N LYS B 173 -10.86 -0.85 9.79
CA LYS B 173 -11.43 0.14 10.69
C LYS B 173 -12.84 0.47 10.28
N LEU B 174 -13.78 0.32 11.22
CA LEU B 174 -15.16 0.76 11.07
C LEU B 174 -15.41 1.88 12.08
N THR B 175 -15.79 3.05 11.58
CA THR B 175 -16.05 4.20 12.42
C THR B 175 -17.56 4.39 12.57
N VAL B 176 -18.03 4.39 13.82
CA VAL B 176 -19.43 4.56 14.13
C VAL B 176 -19.57 5.61 15.22
N ASP B 177 -20.78 6.14 15.36
CA ASP B 177 -21.06 7.12 16.39
C ASP B 177 -20.91 6.48 17.78
N LYS B 178 -20.46 7.29 18.74
CA LYS B 178 -20.24 6.78 20.10
C LYS B 178 -21.53 6.26 20.72
N SER B 179 -22.67 6.85 20.35
CA SER B 179 -23.95 6.38 20.89
C SER B 179 -24.23 4.93 20.47
N ARG B 180 -23.90 4.59 19.22
CA ARG B 180 -24.15 3.24 18.75
C ARG B 180 -23.34 2.20 19.53
N TRP B 181 -22.07 2.50 19.78
CA TRP B 181 -21.23 1.57 20.53
C TRP B 181 -21.69 1.42 21.97
N GLN B 182 -22.07 2.54 22.61
CA GLN B 182 -22.46 2.50 24.01
C GLN B 182 -23.78 1.76 24.23
N GLN B 183 -24.59 1.59 23.18
CA GLN B 183 -25.85 0.86 23.27
C GLN B 183 -25.66 -0.63 23.03
N GLY B 184 -24.43 -1.13 23.07
CA GLY B 184 -24.18 -2.55 22.89
C GLY B 184 -24.52 -3.08 21.52
N ASN B 185 -24.34 -2.28 20.48
CA ASN B 185 -24.57 -2.74 19.13
C ASN B 185 -23.50 -3.74 18.73
N VAL B 186 -23.91 -4.81 18.05
CA VAL B 186 -23.01 -5.88 17.65
C VAL B 186 -22.51 -5.60 16.24
N PHE B 187 -21.19 -5.45 16.11
CA PHE B 187 -20.54 -5.28 14.82
C PHE B 187 -19.64 -6.48 14.56
N SER B 188 -19.79 -7.09 13.38
CA SER B 188 -19.08 -8.30 13.03
C SER B 188 -18.14 -8.06 11.88
N CYS B 189 -17.04 -8.80 11.88
CA CYS B 189 -16.01 -8.71 10.84
C CYS B 189 -15.99 -10.03 10.07
N SER B 190 -16.49 -10.00 8.84
CA SER B 190 -16.55 -11.18 8.00
C SER B 190 -15.26 -11.29 7.18
N VAL B 191 -14.67 -12.49 7.17
CA VAL B 191 -13.41 -12.74 6.48
C VAL B 191 -13.58 -14.00 5.63
N MET B 192 -13.18 -13.92 4.37
CA MET B 192 -13.24 -15.06 3.45
C MET B 192 -11.85 -15.30 2.87
N HIS B 193 -11.37 -16.53 3.01
CA HIS B 193 -10.03 -16.89 2.54
C HIS B 193 -10.01 -18.36 2.16
N GLU B 194 -9.00 -18.73 1.36
CA GLU B 194 -8.91 -20.10 0.86
C GLU B 194 -8.72 -21.10 1.99
N ALA B 195 -7.84 -20.79 2.94
CA ALA B 195 -7.54 -21.73 4.02
C ALA B 195 -8.72 -21.92 4.98
N LEU B 196 -9.61 -20.95 5.08
CA LEU B 196 -10.76 -21.09 5.96
C LEU B 196 -11.69 -22.19 5.47
N HIS B 197 -12.21 -22.98 6.40
CA HIS B 197 -13.18 -24.01 6.05
C HIS B 197 -14.49 -23.35 5.61
N ASN B 198 -15.00 -23.78 4.45
CA ASN B 198 -16.10 -23.13 3.75
C ASN B 198 -15.79 -21.69 3.37
N HIS B 199 -14.51 -21.29 3.51
CA HIS B 199 -14.05 -19.95 3.12
C HIS B 199 -14.83 -18.86 3.83
N TYR B 200 -15.18 -19.09 5.11
CA TYR B 200 -15.97 -18.13 5.84
C TYR B 200 -15.75 -18.31 7.34
N THR B 201 -15.56 -17.20 8.04
CA THR B 201 -15.52 -17.16 9.49
C THR B 201 -15.90 -15.75 9.93
N GLN B 202 -16.30 -15.63 11.19
CA GLN B 202 -16.79 -14.35 11.67
C GLN B 202 -16.56 -14.22 13.17
N LYS B 203 -16.35 -12.98 13.60
CA LYS B 203 -16.20 -12.62 15.01
C LYS B 203 -17.07 -11.40 15.30
N SER B 204 -17.64 -11.36 16.49
CA SER B 204 -18.53 -10.29 16.89
C SER B 204 -17.79 -9.30 17.80
N LEU B 205 -18.16 -8.02 17.68
CA LEU B 205 -17.59 -6.96 18.49
C LEU B 205 -18.70 -6.11 19.06
N SER B 206 -18.66 -5.87 20.37
CA SER B 206 -19.66 -5.06 21.04
C SER B 206 -19.06 -4.52 22.34
N LEU B 207 -19.75 -3.55 22.92
CA LEU B 207 -19.32 -2.94 24.18
C LEU B 207 -19.21 -3.97 25.29
C1 NAG C . 17.33 -0.85 -16.04
C2 NAG C . 16.14 0.01 -16.69
C3 NAG C . 15.29 0.83 -15.67
C4 NAG C . 15.38 0.36 -14.22
C5 NAG C . 16.84 0.16 -13.95
C6 NAG C . 17.18 -0.09 -12.51
C7 NAG C . 16.51 0.81 -19.00
C8 NAG C . 15.67 -0.33 -19.48
N2 NAG C . 16.69 0.92 -17.68
O3 NAG C . 13.93 0.86 -16.08
O4 NAG C . 14.83 1.32 -13.32
O5 NAG C . 17.15 -1.03 -14.65
O6 NAG C . 17.77 -1.37 -12.38
O7 NAG C . 17.03 1.60 -19.78
C1 NAG C . 13.86 0.67 -12.48
C2 NAG C . 13.85 1.36 -11.08
C3 NAG C . 12.60 1.01 -10.26
C4 NAG C . 11.33 1.10 -11.09
C5 NAG C . 11.53 0.20 -12.30
C6 NAG C . 10.32 0.09 -13.20
C7 NAG C . 15.44 1.52 -9.22
C8 NAG C . 16.66 0.93 -8.58
N2 NAG C . 15.04 0.95 -10.35
O3 NAG C . 12.55 1.87 -9.13
O4 NAG C . 10.20 0.67 -10.34
O5 NAG C . 12.59 0.75 -13.08
O6 NAG C . 10.47 -1.03 -14.06
O7 NAG C . 14.87 2.50 -8.73
C1 BMA C . 9.65 1.73 -9.50
C2 BMA C . 8.54 2.56 -10.21
C3 BMA C . 7.99 3.59 -9.16
C4 BMA C . 7.48 2.87 -7.92
C5 BMA C . 8.65 2.10 -7.31
C6 BMA C . 8.25 1.32 -6.07
O2 BMA C . 7.48 1.70 -10.53
O3 BMA C . 7.05 4.66 -9.61
O4 BMA C . 6.97 3.80 -6.97
O5 BMA C . 9.15 1.15 -8.28
O6 BMA C . 8.85 1.93 -4.93
C1 MAN C . 9.70 0.94 -4.29
C2 MAN C . 10.20 1.51 -2.92
C3 MAN C . 11.22 2.65 -3.07
C4 MAN C . 11.79 2.79 -4.51
C5 MAN C . 11.97 1.42 -5.22
C6 MAN C . 13.18 0.62 -4.72
O2 MAN C . 10.87 0.50 -2.15
O3 MAN C . 12.30 2.48 -2.14
O4 MAN C . 10.97 3.65 -5.29
O5 MAN C . 10.79 0.56 -5.15
O6 MAN C . 13.14 -0.66 -5.33
C1 NAG C . 12.92 3.75 -1.84
C2 NAG C . 13.13 3.78 -0.35
C3 NAG C . 13.58 5.16 0.07
C4 NAG C . 14.51 5.80 -0.96
C5 NAG C . 15.08 4.85 -2.03
C6 NAG C . 16.34 4.13 -1.59
C7 NAG C . 11.68 2.15 0.78
C8 NAG C . 10.38 1.93 1.50
N2 NAG C . 11.92 3.40 0.36
O3 NAG C . 14.25 5.07 1.33
O4 NAG C . 13.86 6.91 -1.59
O5 NAG C . 14.16 3.84 -2.50
O6 NAG C . 16.97 4.82 -0.52
O7 NAG C . 12.48 1.24 0.61
C1 GAL C . 14.50 8.12 -1.13
C2 GAL C . 13.49 8.92 -0.30
C3 GAL C . 14.13 10.20 0.21
C4 GAL C . 15.39 9.87 1.03
C5 GAL C . 16.33 9.00 0.19
C6 GAL C . 17.51 8.45 0.98
O2 GAL C . 12.36 9.30 -1.07
O3 GAL C . 13.23 10.90 1.07
O4 GAL C . 15.04 9.19 2.22
O5 GAL C . 15.66 7.85 -0.33
O6 GAL C . 18.05 9.42 1.86
C1 MAN C . 6.15 4.41 -10.72
C2 MAN C . 5.11 5.59 -10.77
C3 MAN C . 3.95 5.23 -11.71
C4 MAN C . 4.32 4.03 -12.60
C5 MAN C . 4.56 2.81 -11.70
C6 MAN C . 5.07 1.60 -12.46
O2 MAN C . 5.69 6.82 -11.25
O3 MAN C . 3.53 6.33 -12.52
O4 MAN C . 3.26 3.76 -13.52
O5 MAN C . 5.50 3.14 -10.62
O6 MAN C . 4.02 1.06 -13.23
C1 NAG C . 5.23 7.96 -10.48
C2 NAG C . 5.02 9.12 -11.46
C3 NAG C . 4.51 10.35 -10.71
C4 NAG C . 3.25 10.00 -9.92
C5 NAG C . 3.53 8.81 -9.00
C6 NAG C . 2.30 8.35 -8.27
C7 NAG C . 6.26 9.85 -13.44
C8 NAG C . 7.61 10.11 -14.03
N2 NAG C . 6.24 9.43 -12.18
O3 NAG C . 4.22 11.38 -11.65
O4 NAG C . 2.85 11.12 -9.14
O5 NAG C . 4.00 7.70 -9.76
O6 NAG C . 1.33 9.40 -8.14
O7 NAG C . 5.23 10.00 -14.10
C1 FUL C . 16.97 -2.14 -11.49
C2 FUL C . 17.44 -3.58 -11.59
O2 FUL C . 18.75 -3.64 -11.00
C3 FUL C . 16.57 -4.60 -10.94
O3 FUL C . 16.35 -5.64 -11.94
C4 FUL C . 15.20 -4.19 -10.45
O4 FUL C . 14.22 -5.05 -11.03
C5 FUL C . 14.77 -2.72 -10.66
C6 FUL C . 13.30 -2.69 -10.94
O5 FUL C . 15.49 -2.06 -11.76
C1 NAG D . -3.77 6.71 -23.77
C2 NAG D . -2.47 6.69 -22.96
C3 NAG D . -2.31 5.35 -22.27
C4 NAG D . -3.55 4.98 -21.46
C5 NAG D . -4.81 5.13 -22.32
C6 NAG D . -6.09 4.94 -21.54
C7 NAG D . -0.85 8.23 -23.99
C8 NAG D . 0.34 8.34 -24.88
N2 NAG D . -1.32 7.00 -23.80
O3 NAG D . -1.17 5.39 -21.41
O4 NAG D . -3.46 3.63 -21.03
O5 NAG D . -4.87 6.43 -22.92
O6 NAG D . -6.24 5.92 -20.53
O7 NAG D . -1.37 9.21 -23.46
C1 NAG D . -3.12 3.52 -19.63
C2 NAG D . -4.00 2.44 -19.01
C3 NAG D . -3.64 2.25 -17.53
C4 NAG D . -2.15 1.98 -17.37
C5 NAG D . -1.35 3.08 -18.06
C6 NAG D . 0.14 2.80 -18.06
C7 NAG D . -6.32 1.80 -19.43
C8 NAG D . -7.73 2.29 -19.56
N2 NAG D . -5.40 2.73 -19.17
O3 NAG D . -4.41 1.17 -17.02
O4 NAG D . -1.79 1.97 -16.00
O5 NAG D . -1.73 3.20 -19.44
O6 NAG D . 0.83 3.69 -17.17
O7 NAG D . -6.02 0.62 -19.54
C1 BMA D . -1.88 0.65 -15.39
C2 BMA D . -0.46 0.27 -14.80
C3 BMA D . -0.52 -0.71 -13.58
C4 BMA D . -1.78 -0.52 -12.72
C5 BMA D . -3.01 -0.50 -13.61
C6 BMA D . -4.30 -0.42 -12.80
O2 BMA D . 0.25 1.42 -14.38
O3 BMA D . 0.66 -0.56 -12.77
O4 BMA D . -1.91 -1.57 -11.78
O5 BMA D . -2.92 0.67 -14.41
O6 BMA D . -5.33 -1.07 -13.52
C1 MAN D . -6.36 -0.10 -13.79
C2 MAN D . -7.50 -0.81 -14.57
C3 MAN D . -8.01 0.08 -15.69
C4 MAN D . -8.13 1.52 -15.20
C5 MAN D . -6.72 2.08 -14.91
C6 MAN D . -6.69 3.15 -13.84
O2 MAN D . -8.64 -1.04 -13.74
O3 MAN D . -9.25 -0.37 -16.22
O4 MAN D . -8.76 2.33 -16.17
O5 MAN D . -5.81 1.00 -14.52
O6 MAN D . -7.10 4.38 -14.43
C1 NAG D . -8.61 -2.37 -13.21
C2 NAG D . -9.20 -2.34 -11.79
C3 NAG D . -9.25 -3.75 -11.20
C4 NAG D . -9.98 -4.69 -12.15
C5 NAG D . -9.34 -4.64 -13.54
C6 NAG D . -10.07 -5.47 -14.55
C7 NAG D . -8.67 -0.14 -10.83
C8 NAG D . -7.78 0.62 -9.89
N2 NAG D . -8.43 -1.45 -10.92
O3 NAG D . -9.91 -3.70 -9.95
O4 NAG D . -9.91 -6.02 -11.65
O5 NAG D . -9.35 -3.28 -14.02
O6 NAG D . -10.12 -6.84 -14.18
O7 NAG D . -9.55 0.42 -11.49
C1 MAN D . 1.14 -1.82 -12.22
C2 MAN D . 2.61 -2.01 -12.72
C3 MAN D . 2.89 -3.48 -12.96
C4 MAN D . 2.20 -4.34 -11.89
C5 MAN D . 0.68 -4.24 -12.09
C6 MAN D . -0.12 -4.54 -10.83
O2 MAN D . 3.54 -1.59 -11.72
O3 MAN D . 4.30 -3.75 -12.98
O4 MAN D . 2.62 -5.69 -12.01
O5 MAN D . 0.29 -2.91 -12.59
O6 MAN D . -1.50 -4.40 -11.14
C1 FUC D . -7.55 6.50 -20.65
C2 FUC D . -8.21 6.54 -19.24
C3 FUC D . -7.54 7.60 -18.34
C4 FUC D . -7.53 8.95 -19.04
C5 FUC D . -6.83 8.81 -20.39
C6 FUC D . -6.85 10.09 -21.21
O2 FUC D . -8.23 5.28 -18.61
O3 FUC D . -8.28 7.74 -17.13
O4 FUC D . -8.86 9.41 -19.23
O5 FUC D . -7.46 7.80 -21.21
C1 GOL E . 5.77 -12.45 14.28
O1 GOL E . 6.51 -13.47 14.89
C2 GOL E . 4.76 -13.14 13.32
O2 GOL E . 4.02 -12.22 12.61
C3 GOL E . 3.89 -14.01 14.24
O3 GOL E . 3.14 -13.15 15.03
#